data_4ISG
#
_entry.id   4ISG
#
_cell.length_a   49.256
_cell.length_b   78.260
_cell.length_c   120.261
_cell.angle_alpha   90.00
_cell.angle_beta   90.00
_cell.angle_gamma   90.00
#
_symmetry.space_group_name_H-M   'P 21 21 21'
#
loop_
_entity.id
_entity.type
_entity.pdbx_description
1 polymer Glucokinase
2 non-polymer alpha-D-glucopyranose
3 non-polymer (2S)-3-cyclohexyl-2-[4-(methylsulfonyl)-2-oxopiperazin-1-yl]-N-(1,3-thiazol-2-yl)propanamide
4 non-polymer 'IODIDE ION'
5 water water
#
_entity_poly.entity_id   1
_entity_poly.type   'polypeptide(L)'
_entity_poly.pdbx_seq_one_letter_code
;MKPMPLTLVEQILAEFQLQEEDLKKVMRRMQKEMDRGLRLETHEEASVKMLPTYVRSTPEGSEVGDFLSLDLGGTNFRVM
LVKVGEGEEGQWSVKTKHQMYSIPEDAMTGTAEMLFDYISECISDFLDKHQMKHKKLPLGFTFSFPVRHEDIDKGILLNW
TKGFKASGAEGNNVVGLLRDAIKRRGDFEMDVVAMVNDTVATMISCYYEDHQCEVGMIVGTGCNACYMEEMQNVELVEGD
EGRMCVNTEWGAFGDSGELDEFLLEYDRLVDESSANPGQQLYEKLIGGKYMGELVRLVLLRLVDENLLFHGEASEQLRTR
GAFETRFVSQVESDTGDRKQIYNILSTLGLRPSTTDCDIVRRACESVSTRAAHMCSAGLAGVINRMRESRSEDVMRITVG
VDGSVYKLHPSFKERFHASVRRLTPSCEITFIESEEGSGRGAALVSAVACKKACMLGQ
;
_entity_poly.pdbx_strand_id   A
#
# COMPACT_ATOMS: atom_id res chain seq x y z
N LYS A 2 20.96 -22.03 14.54
CA LYS A 2 20.89 -22.39 13.08
C LYS A 2 21.95 -23.44 12.77
N PRO A 3 21.67 -24.30 11.78
CA PRO A 3 22.70 -25.24 11.35
C PRO A 3 23.65 -24.54 10.39
N MET A 4 24.78 -25.18 10.11
CA MET A 4 25.67 -24.71 9.05
C MET A 4 24.91 -24.78 7.74
N PRO A 5 24.82 -23.65 7.01
CA PRO A 5 24.02 -23.67 5.79
C PRO A 5 24.74 -24.39 4.65
N LEU A 6 23.98 -24.82 3.64
CA LEU A 6 24.57 -25.43 2.45
C LEU A 6 25.20 -24.34 1.59
N THR A 7 26.51 -24.46 1.35
CA THR A 7 27.28 -23.44 0.63
C THR A 7 26.73 -23.10 -0.76
N LEU A 8 26.40 -24.13 -1.52
CA LEU A 8 25.93 -23.98 -2.91
C LEU A 8 24.63 -23.18 -2.96
N VAL A 9 23.78 -23.44 -2.00
CA VAL A 9 22.51 -22.74 -1.89
C VAL A 9 22.79 -21.28 -1.55
N GLU A 10 23.69 -21.04 -0.62
CA GLU A 10 23.98 -19.67 -0.17
C GLU A 10 24.53 -18.79 -1.29
N GLN A 11 25.25 -19.39 -2.23
CA GLN A 11 25.80 -18.64 -3.35
C GLN A 11 24.72 -18.13 -4.29
N ILE A 12 23.65 -18.91 -4.43
CA ILE A 12 22.51 -18.53 -5.27
C ILE A 12 21.62 -17.48 -4.57
N LEU A 13 21.34 -17.69 -3.29
CA LEU A 13 20.50 -16.77 -2.53
C LEU A 13 21.22 -15.46 -2.20
N ALA A 14 22.55 -15.48 -2.23
CA ALA A 14 23.33 -14.28 -1.96
C ALA A 14 23.15 -13.24 -3.08
N GLU A 15 22.76 -13.68 -4.27
CA GLU A 15 22.49 -12.77 -5.38
C GLU A 15 21.40 -11.74 -5.08
N PHE A 16 20.52 -12.05 -4.11
CA PHE A 16 19.50 -11.10 -3.67
C PHE A 16 20.05 -10.00 -2.75
N GLN A 17 21.28 -10.12 -2.29
CA GLN A 17 21.81 -9.19 -1.30
C GLN A 17 21.89 -7.80 -1.89
N LEU A 18 21.72 -6.82 -1.01
CA LEU A 18 21.82 -5.41 -1.37
C LEU A 18 22.62 -4.62 -0.33
N GLN A 19 23.75 -4.09 -0.77
CA GLN A 19 24.68 -3.38 0.11
C GLN A 19 24.14 -1.97 0.39
N GLU A 20 24.77 -1.27 1.34
CA GLU A 20 24.40 0.11 1.61
C GLU A 20 24.63 0.97 0.37
N GLU A 21 25.79 0.84 -0.26
CA GLU A 21 26.13 1.61 -1.46
C GLU A 21 25.13 1.38 -2.59
N ASP A 22 24.56 0.18 -2.65
CA ASP A 22 23.56 -0.14 -3.66
C ASP A 22 22.27 0.60 -3.38
N LEU A 23 21.84 0.57 -2.12
CA LEU A 23 20.57 1.19 -1.76
C LEU A 23 20.62 2.69 -1.85
N LYS A 24 21.79 3.26 -1.59
CA LYS A 24 22.01 4.69 -1.77
C LYS A 24 21.99 5.07 -3.26
N LYS A 25 22.46 4.17 -4.12
CA LYS A 25 22.35 4.36 -5.57
C LYS A 25 20.88 4.49 -5.94
N VAL A 26 20.11 3.51 -5.47
CA VAL A 26 18.67 3.41 -5.76
C VAL A 26 17.94 4.63 -5.21
N MET A 27 18.34 5.03 -4.01
CA MET A 27 17.80 6.17 -3.30
C MET A 27 18.01 7.46 -4.10
N ARG A 28 19.24 7.67 -4.53
CA ARG A 28 19.61 8.87 -5.27
C ARG A 28 18.90 8.90 -6.62
N ARG A 29 18.71 7.74 -7.23
CA ARG A 29 18.02 7.67 -8.50
C ARG A 29 16.53 7.94 -8.34
N MET A 30 15.95 7.41 -7.26
CA MET A 30 14.57 7.74 -6.92
C MET A 30 14.45 9.24 -6.71
N GLN A 31 15.39 9.81 -5.96
CA GLN A 31 15.37 11.24 -5.66
C GLN A 31 15.31 12.11 -6.93
N LYS A 32 16.12 11.77 -7.93
CA LYS A 32 16.17 12.57 -9.17
C LYS A 32 14.86 12.40 -9.94
N GLU A 33 14.24 11.25 -9.76
CA GLU A 33 12.98 10.95 -10.44
C GLU A 33 11.81 11.69 -9.81
N MET A 34 11.88 11.91 -8.50
CA MET A 34 10.89 12.71 -7.81
C MET A 34 11.04 14.20 -8.17
N ASP A 35 12.27 14.65 -8.37
CA ASP A 35 12.52 15.99 -8.87
C ASP A 35 11.86 16.17 -10.23
N ARG A 36 12.05 15.21 -11.13
CA ARG A 36 11.46 15.27 -12.47
C ARG A 36 9.94 15.32 -12.42
N GLY A 37 9.35 14.57 -11.49
CA GLY A 37 7.91 14.54 -11.31
C GLY A 37 7.34 15.85 -10.80
N LEU A 38 8.02 16.48 -9.85
CA LEU A 38 7.53 17.68 -9.21
C LEU A 38 7.55 18.95 -10.08
N ARG A 39 8.36 18.95 -11.15
CA ARG A 39 8.58 20.17 -11.94
C ARG A 39 7.74 20.21 -13.23
N LEU A 40 7.00 21.31 -13.43
CA LEU A 40 6.18 21.51 -14.63
C LEU A 40 6.87 21.04 -15.91
N GLU A 41 8.10 21.54 -16.09
CA GLU A 41 8.88 21.35 -17.30
C GLU A 41 9.04 19.89 -17.69
N THR A 42 9.21 19.01 -16.72
CA THR A 42 9.53 17.58 -16.96
C THR A 42 8.48 16.58 -16.47
N HIS A 43 7.40 17.07 -15.87
CA HIS A 43 6.39 16.20 -15.25
C HIS A 43 5.74 15.21 -16.22
N GLU A 44 5.50 15.65 -17.45
CA GLU A 44 4.76 14.85 -18.42
C GLU A 44 5.56 13.61 -18.87
N GLU A 45 6.88 13.75 -19.03
CA GLU A 45 7.75 12.61 -19.37
C GLU A 45 8.25 11.84 -18.13
N ALA A 46 7.94 12.35 -16.94
CA ALA A 46 8.40 11.74 -15.70
C ALA A 46 7.60 10.50 -15.38
N SER A 47 8.29 9.43 -15.02
CA SER A 47 7.63 8.16 -14.74
C SER A 47 7.13 8.10 -13.28
N VAL A 48 7.85 8.74 -12.37
CA VAL A 48 7.39 8.90 -10.98
C VAL A 48 6.65 10.23 -10.88
N LYS A 49 5.32 10.19 -10.91
CA LYS A 49 4.49 11.35 -11.22
C LYS A 49 4.30 12.38 -10.10
N MET A 50 4.47 12.01 -8.85
CA MET A 50 4.41 13.00 -7.78
C MET A 50 3.11 13.81 -7.86
N LEU A 51 1.99 13.10 -7.91
CA LEU A 51 0.71 13.73 -8.15
C LEU A 51 0.29 14.62 -6.99
N PRO A 52 0.09 15.92 -7.26
CA PRO A 52 -0.43 16.74 -6.18
C PRO A 52 -1.79 16.20 -5.78
N THR A 53 -2.03 16.11 -4.47
CA THR A 53 -3.30 15.56 -3.96
C THR A 53 -4.27 16.64 -3.51
N TYR A 54 -3.82 17.90 -3.47
CA TYR A 54 -4.62 19.03 -2.98
C TYR A 54 -5.05 18.89 -1.51
N VAL A 55 -4.40 17.98 -0.79
CA VAL A 55 -4.54 17.83 0.64
C VAL A 55 -3.51 18.74 1.29
N ARG A 56 -3.92 19.96 1.60
CA ARG A 56 -3.02 21.00 2.08
C ARG A 56 -2.76 20.89 3.59
N SER A 57 -1.66 21.51 4.03
CA SER A 57 -1.31 21.54 5.46
C SER A 57 -2.19 22.49 6.27
N THR A 58 -3.05 23.25 5.62
CA THR A 58 -3.98 24.12 6.31
C THR A 58 -5.40 23.60 6.10
N PRO A 59 -6.23 23.62 7.15
CA PRO A 59 -7.63 23.25 6.95
C PRO A 59 -8.34 24.16 5.93
N GLU A 60 -8.85 23.54 4.87
CA GLU A 60 -9.66 24.22 3.85
C GLU A 60 -11.08 23.66 3.84
N GLY A 61 -11.96 24.27 3.04
CA GLY A 61 -13.37 23.87 2.97
C GLY A 61 -14.09 23.99 4.31
N SER A 62 -13.99 25.15 4.95
CA SER A 62 -14.58 25.38 6.27
C SER A 62 -16.11 25.21 6.29
N GLU A 63 -16.76 25.50 5.17
CA GLU A 63 -18.22 25.43 5.09
C GLU A 63 -18.79 24.00 5.04
N VAL A 64 -17.92 22.99 4.99
CA VAL A 64 -18.34 21.61 5.18
C VAL A 64 -18.08 21.20 6.64
N GLY A 65 -19.14 21.25 7.45
CA GLY A 65 -19.08 20.80 8.84
C GLY A 65 -19.64 19.40 9.01
N ASP A 66 -20.65 19.06 8.20
CA ASP A 66 -21.37 17.81 8.33
C ASP A 66 -21.23 16.95 7.07
N PHE A 67 -21.07 15.64 7.26
CA PHE A 67 -20.96 14.71 6.14
C PHE A 67 -21.21 13.27 6.57
N LEU A 68 -21.22 12.37 5.59
CA LEU A 68 -21.51 10.98 5.82
C LEU A 68 -20.29 10.17 5.43
N SER A 69 -19.89 9.22 6.26
CA SER A 69 -18.71 8.40 6.00
C SER A 69 -19.14 6.94 5.93
N LEU A 70 -18.69 6.24 4.90
CA LEU A 70 -19.15 4.91 4.60
C LEU A 70 -17.97 3.94 4.51
N ASP A 71 -17.74 3.19 5.58
CA ASP A 71 -16.64 2.24 5.62
C ASP A 71 -17.10 0.90 5.11
N LEU A 72 -16.67 0.60 3.88
CA LEU A 72 -17.07 -0.59 3.17
C LEU A 72 -16.05 -1.69 3.44
N GLY A 73 -16.49 -2.73 4.16
CA GLY A 73 -15.62 -3.84 4.56
C GLY A 73 -15.96 -5.14 3.85
N GLY A 74 -15.60 -6.26 4.48
CA GLY A 74 -15.70 -7.57 3.84
C GLY A 74 -17.12 -8.09 3.71
N THR A 75 -17.71 -8.47 4.82
CA THR A 75 -19.06 -9.02 4.86
C THR A 75 -20.07 -8.02 5.41
N ASN A 76 -19.62 -6.79 5.66
CA ASN A 76 -20.51 -5.72 6.12
C ASN A 76 -19.95 -4.31 5.89
N PHE A 77 -20.72 -3.30 6.29
CA PHE A 77 -20.34 -1.90 6.13
C PHE A 77 -20.87 -1.03 7.26
N ARG A 78 -20.20 0.11 7.46
CA ARG A 78 -20.55 1.04 8.50
C ARG A 78 -21.04 2.30 7.82
N VAL A 79 -22.21 2.79 8.23
CA VAL A 79 -22.63 4.11 7.83
C VAL A 79 -22.40 5.02 9.03
N MET A 80 -21.77 6.18 8.79
CA MET A 80 -21.36 7.05 9.89
C MET A 80 -21.59 8.52 9.59
N LEU A 81 -22.32 9.17 10.48
CA LEU A 81 -22.52 10.61 10.40
C LEU A 81 -21.45 11.33 11.16
N VAL A 82 -20.82 12.32 10.52
CA VAL A 82 -19.71 13.03 11.12
C VAL A 82 -19.94 14.54 11.15
N LYS A 83 -19.67 15.15 12.30
CA LYS A 83 -19.70 16.60 12.43
C LYS A 83 -18.34 17.05 12.93
N VAL A 84 -17.72 17.95 12.17
CA VAL A 84 -16.40 18.49 12.50
C VAL A 84 -16.55 19.92 13.08
N GLY A 85 -15.86 20.19 14.18
CA GLY A 85 -15.95 21.48 14.88
C GLY A 85 -14.60 22.03 15.32
N GLU A 86 -14.62 23.15 16.03
CA GLU A 86 -13.43 23.91 16.41
C GLU A 86 -12.73 24.45 15.16
N GLN A 91 -7.01 22.39 16.39
CA GLN A 91 -7.44 21.00 16.40
C GLN A 91 -8.94 20.84 16.14
N TRP A 92 -9.31 19.78 15.40
CA TRP A 92 -10.71 19.55 14.97
C TRP A 92 -11.47 18.58 15.88
N SER A 93 -12.71 18.96 16.20
CA SER A 93 -13.63 18.18 17.02
C SER A 93 -14.46 17.23 16.15
N VAL A 94 -14.06 15.98 16.11
CA VAL A 94 -14.71 14.97 15.25
C VAL A 94 -15.83 14.23 15.98
N LYS A 95 -17.06 14.70 15.88
CA LYS A 95 -18.20 14.03 16.50
C LYS A 95 -18.80 13.02 15.55
N THR A 96 -19.02 11.80 16.03
CA THR A 96 -19.61 10.76 15.19
C THR A 96 -20.73 9.98 15.86
N LYS A 97 -21.66 9.52 15.03
CA LYS A 97 -22.57 8.44 15.37
C LYS A 97 -22.65 7.53 14.14
N HIS A 98 -22.91 6.25 14.36
CA HIS A 98 -22.85 5.29 13.28
C HIS A 98 -23.74 4.06 13.45
N GLN A 99 -23.79 3.23 12.40
CA GLN A 99 -24.51 1.98 12.43
C GLN A 99 -23.82 0.92 11.56
N MET A 100 -23.66 -0.27 12.12
CA MET A 100 -23.18 -1.42 11.34
C MET A 100 -24.35 -2.08 10.64
N TYR A 101 -24.16 -2.37 9.36
CA TYR A 101 -25.15 -3.07 8.56
C TYR A 101 -24.51 -4.32 7.96
N SER A 102 -25.08 -5.49 8.29
CA SER A 102 -24.60 -6.76 7.74
C SER A 102 -25.26 -7.00 6.39
N ILE A 103 -24.45 -7.23 5.36
CA ILE A 103 -24.97 -7.47 3.99
C ILE A 103 -25.62 -8.87 3.97
N PRO A 104 -26.92 -8.96 3.65
CA PRO A 104 -27.54 -10.29 3.50
C PRO A 104 -26.88 -11.10 2.39
N GLU A 105 -26.98 -12.42 2.47
CA GLU A 105 -26.36 -13.31 1.49
C GLU A 105 -26.97 -13.11 0.10
N ASP A 106 -28.26 -12.76 0.08
CA ASP A 106 -28.98 -12.41 -1.15
C ASP A 106 -28.30 -11.22 -1.82
N ALA A 107 -28.16 -10.13 -1.08
CA ALA A 107 -27.54 -8.89 -1.56
C ALA A 107 -26.09 -9.10 -2.03
N MET A 108 -25.36 -9.96 -1.33
CA MET A 108 -23.98 -10.29 -1.69
C MET A 108 -23.86 -10.96 -3.05
N THR A 109 -24.85 -11.78 -3.41
CA THR A 109 -24.70 -12.75 -4.50
C THR A 109 -25.49 -12.40 -5.77
N GLY A 110 -26.10 -11.22 -5.81
CA GLY A 110 -26.80 -10.76 -7.02
C GLY A 110 -25.80 -10.15 -7.98
N THR A 111 -25.90 -8.84 -8.22
CA THR A 111 -24.91 -8.10 -8.98
C THR A 111 -24.47 -6.86 -8.20
N ALA A 112 -23.43 -6.20 -8.71
CA ALA A 112 -22.86 -5.03 -8.04
C ALA A 112 -23.86 -3.89 -7.93
N GLU A 113 -24.73 -3.75 -8.93
CA GLU A 113 -25.76 -2.72 -8.90
C GLU A 113 -26.80 -3.02 -7.84
N MET A 114 -27.20 -4.29 -7.76
CA MET A 114 -28.19 -4.72 -6.78
C MET A 114 -27.63 -4.67 -5.35
N LEU A 115 -26.30 -4.71 -5.25
CA LEU A 115 -25.62 -4.59 -3.97
C LEU A 115 -25.71 -3.17 -3.45
N PHE A 116 -25.38 -2.20 -4.31
CA PHE A 116 -25.34 -0.81 -3.89
C PHE A 116 -26.72 -0.20 -3.64
N ASP A 117 -27.75 -0.81 -4.24
CA ASP A 117 -29.13 -0.52 -3.88
C ASP A 117 -29.44 -0.89 -2.43
N TYR A 118 -28.88 -2.00 -1.95
CA TYR A 118 -29.03 -2.38 -0.55
C TYR A 118 -28.27 -1.43 0.37
N ILE A 119 -27.11 -0.99 -0.09
CA ILE A 119 -26.33 -0.02 0.67
C ILE A 119 -27.10 1.29 0.75
N SER A 120 -27.55 1.79 -0.40
CA SER A 120 -28.38 3.00 -0.49
C SER A 120 -29.62 2.89 0.39
N GLU A 121 -30.25 1.72 0.39
CA GLU A 121 -31.41 1.46 1.24
C GLU A 121 -31.05 1.65 2.71
N CYS A 122 -29.92 1.09 3.12
CA CYS A 122 -29.43 1.28 4.49
C CYS A 122 -29.14 2.74 4.82
N ILE A 123 -28.59 3.47 3.86
CA ILE A 123 -28.34 4.90 4.05
C ILE A 123 -29.66 5.66 4.30
N SER A 124 -30.69 5.36 3.52
CA SER A 124 -32.00 5.98 3.72
C SER A 124 -32.50 5.79 5.15
N ASP A 125 -32.42 4.55 5.64
CA ASP A 125 -32.87 4.20 6.99
C ASP A 125 -32.09 4.94 8.06
N PHE A 126 -30.79 5.04 7.84
CA PHE A 126 -29.91 5.76 8.74
C PHE A 126 -30.31 7.23 8.84
N LEU A 127 -30.52 7.86 7.67
CA LEU A 127 -30.91 9.27 7.60
C LEU A 127 -32.28 9.52 8.22
N ASP A 128 -33.21 8.61 7.97
CA ASP A 128 -34.51 8.63 8.65
C ASP A 128 -34.32 8.48 10.17
N LYS A 129 -33.49 7.52 10.59
CA LYS A 129 -33.25 7.30 12.02
C LYS A 129 -32.80 8.57 12.74
N HIS A 130 -31.99 9.38 12.07
CA HIS A 130 -31.45 10.61 12.65
C HIS A 130 -32.01 11.89 12.02
N GLN A 131 -33.05 11.76 11.19
CA GLN A 131 -33.75 12.90 10.60
C GLN A 131 -32.80 13.82 9.81
N MET A 132 -32.16 13.25 8.79
CA MET A 132 -31.20 14.00 7.97
C MET A 132 -31.45 13.81 6.48
N LYS A 133 -32.66 13.37 6.11
CA LYS A 133 -32.96 13.06 4.69
C LYS A 133 -33.23 14.31 3.83
N HIS A 134 -33.12 15.48 4.45
CA HIS A 134 -33.24 16.79 3.79
C HIS A 134 -31.89 17.46 3.52
N LYS A 135 -30.81 16.89 4.07
CA LYS A 135 -29.56 17.62 4.28
C LYS A 135 -28.55 17.58 3.12
N LYS A 136 -28.70 16.64 2.18
CA LYS A 136 -27.83 16.58 0.99
C LYS A 136 -26.34 16.59 1.35
N LEU A 137 -25.96 15.67 2.25
CA LEU A 137 -24.61 15.59 2.79
C LEU A 137 -23.60 15.07 1.76
N PRO A 138 -22.34 15.49 1.90
CA PRO A 138 -21.26 14.83 1.17
C PRO A 138 -20.94 13.45 1.75
N LEU A 139 -20.62 12.47 0.91
CA LEU A 139 -20.27 11.14 1.39
C LEU A 139 -18.92 10.65 0.91
N GLY A 140 -18.06 10.27 1.84
CA GLY A 140 -16.78 9.65 1.50
C GLY A 140 -16.77 8.14 1.73
N PHE A 141 -15.94 7.43 0.98
CA PHE A 141 -15.73 6.00 1.17
C PHE A 141 -14.43 5.68 1.89
N THR A 142 -14.46 4.72 2.79
CA THR A 142 -13.24 4.15 3.37
C THR A 142 -13.30 2.64 3.24
N PHE A 143 -12.21 1.97 3.61
CA PHE A 143 -12.13 0.50 3.53
C PHE A 143 -11.51 -0.14 4.78
N ASN A 173 -14.20 2.17 -8.58
CA ASN A 173 -15.48 2.61 -9.22
C ASN A 173 -16.73 2.31 -8.38
N VAL A 174 -16.53 2.04 -7.09
CA VAL A 174 -17.65 1.93 -6.16
C VAL A 174 -18.34 3.29 -5.96
N VAL A 175 -17.61 4.38 -6.22
CA VAL A 175 -18.16 5.73 -6.20
C VAL A 175 -19.26 5.83 -7.25
N GLY A 176 -18.95 5.40 -8.47
CA GLY A 176 -19.92 5.40 -9.55
C GLY A 176 -21.16 4.58 -9.25
N LEU A 177 -20.95 3.42 -8.64
CA LEU A 177 -22.04 2.52 -8.34
C LEU A 177 -23.01 3.09 -7.31
N LEU A 178 -22.46 3.76 -6.30
CA LEU A 178 -23.25 4.38 -5.24
C LEU A 178 -24.03 5.59 -5.76
N ARG A 179 -23.39 6.38 -6.61
CA ARG A 179 -24.06 7.51 -7.25
C ARG A 179 -25.27 6.99 -8.00
N ASP A 180 -25.04 6.00 -8.86
CA ASP A 180 -26.11 5.42 -9.68
C ASP A 180 -27.20 4.78 -8.83
N ALA A 181 -26.82 4.17 -7.70
CA ALA A 181 -27.78 3.56 -6.77
C ALA A 181 -28.62 4.57 -5.97
N ILE A 182 -28.05 5.74 -5.70
CA ILE A 182 -28.77 6.82 -4.98
C ILE A 182 -29.75 7.51 -5.92
N LYS A 183 -29.23 7.88 -7.09
CA LYS A 183 -30.00 8.40 -8.21
C LYS A 183 -31.20 7.49 -8.52
N ARG A 184 -30.94 6.19 -8.55
CA ARG A 184 -31.95 5.15 -8.74
C ARG A 184 -33.06 5.22 -7.70
N ARG A 185 -32.70 5.59 -6.46
CA ARG A 185 -33.68 5.73 -5.39
C ARG A 185 -34.50 7.00 -5.56
N GLY A 186 -33.82 8.13 -5.70
CA GLY A 186 -34.47 9.42 -5.96
C GLY A 186 -35.04 10.15 -4.74
N ASP A 187 -35.34 9.43 -3.66
CA ASP A 187 -35.98 10.02 -2.48
C ASP A 187 -35.06 10.94 -1.67
N PHE A 188 -33.75 10.67 -1.72
CA PHE A 188 -32.76 11.56 -1.09
C PHE A 188 -31.58 11.83 -2.03
N GLU A 189 -31.06 13.05 -1.94
CA GLU A 189 -29.98 13.52 -2.80
C GLU A 189 -28.68 13.53 -2.00
N MET A 190 -27.57 13.21 -2.66
CA MET A 190 -26.29 13.07 -1.95
C MET A 190 -25.06 13.10 -2.86
N ASP A 191 -24.09 13.95 -2.51
CA ASP A 191 -22.84 14.08 -3.28
C ASP A 191 -21.78 13.10 -2.80
N VAL A 192 -21.48 12.11 -3.63
CA VAL A 192 -20.47 11.12 -3.29
C VAL A 192 -19.13 11.62 -3.79
N VAL A 193 -18.24 11.96 -2.88
CA VAL A 193 -16.98 12.59 -3.26
C VAL A 193 -15.95 11.58 -3.73
N ALA A 194 -14.90 12.09 -4.37
CA ALA A 194 -13.76 11.27 -4.80
C ALA A 194 -12.98 10.72 -3.60
N MET A 195 -12.66 9.43 -3.66
CA MET A 195 -11.78 8.79 -2.69
C MET A 195 -10.39 9.35 -2.79
N VAL A 196 -9.68 9.40 -1.67
CA VAL A 196 -8.25 9.66 -1.68
C VAL A 196 -7.50 8.37 -1.92
N ASN A 197 -6.29 8.50 -2.48
CA ASN A 197 -5.41 7.38 -2.68
C ASN A 197 -5.18 6.73 -1.33
N ASP A 198 -4.91 5.43 -1.34
CA ASP A 198 -4.80 4.66 -0.08
C ASP A 198 -3.57 5.06 0.75
N THR A 199 -2.53 5.57 0.12
CA THR A 199 -1.38 6.11 0.85
C THR A 199 -1.79 7.36 1.61
N VAL A 200 -2.64 8.18 0.99
CA VAL A 200 -3.10 9.41 1.60
C VAL A 200 -4.03 9.10 2.78
N ALA A 201 -4.95 8.14 2.61
CA ALA A 201 -5.87 7.75 3.69
C ALA A 201 -5.09 7.22 4.89
N THR A 202 -4.05 6.45 4.60
CA THR A 202 -3.18 5.93 5.64
C THR A 202 -2.48 7.06 6.36
N MET A 203 -1.98 8.05 5.62
CA MET A 203 -1.33 9.20 6.24
C MET A 203 -2.29 9.97 7.13
N ILE A 204 -3.50 10.20 6.64
CA ILE A 204 -4.48 11.01 7.34
C ILE A 204 -5.00 10.32 8.61
N SER A 205 -5.31 9.02 8.51
CA SER A 205 -5.83 8.27 9.67
C SER A 205 -4.75 8.05 10.74
N CYS A 206 -3.50 7.85 10.32
CA CYS A 206 -2.39 7.82 11.27
C CYS A 206 -2.11 9.21 11.89
N TYR A 207 -2.31 10.27 11.11
CA TYR A 207 -2.19 11.62 11.65
C TYR A 207 -3.18 11.89 12.79
N TYR A 208 -4.36 11.28 12.72
CA TYR A 208 -5.37 11.47 13.74
C TYR A 208 -4.82 11.13 15.13
N GLU A 209 -4.05 10.05 15.20
CA GLU A 209 -3.54 9.53 16.46
C GLU A 209 -2.14 10.05 16.80
N ASP A 210 -1.41 10.51 15.77
CA ASP A 210 -0.10 11.10 15.96
C ASP A 210 0.08 12.26 14.98
N HIS A 211 -0.06 13.49 15.48
CA HIS A 211 -0.02 14.68 14.61
C HIS A 211 1.35 14.97 14.00
N GLN A 212 2.34 14.15 14.30
CA GLN A 212 3.63 14.26 13.63
C GLN A 212 3.67 13.44 12.31
N CYS A 213 2.59 12.74 11.99
CA CYS A 213 2.58 11.92 10.78
C CYS A 213 2.44 12.79 9.53
N GLU A 214 3.41 12.70 8.64
CA GLU A 214 3.41 13.47 7.39
C GLU A 214 3.81 12.63 6.18
N VAL A 215 3.73 11.31 6.32
CA VAL A 215 4.05 10.39 5.24
C VAL A 215 3.11 9.22 5.33
N GLY A 216 2.54 8.82 4.19
CA GLY A 216 1.71 7.63 4.12
C GLY A 216 2.32 6.61 3.19
N MET A 217 2.29 5.35 3.58
CA MET A 217 2.93 4.32 2.78
C MET A 217 2.15 3.01 2.78
N ILE A 218 2.15 2.34 1.63
CA ILE A 218 1.45 1.07 1.48
C ILE A 218 2.44 0.06 0.96
N VAL A 219 2.53 -1.08 1.65
CA VAL A 219 3.25 -2.24 1.12
C VAL A 219 2.32 -3.45 1.19
N GLY A 220 1.51 -3.61 0.15
CA GLY A 220 0.60 -4.73 0.02
C GLY A 220 0.81 -5.37 -1.33
N THR A 221 -0.27 -5.58 -2.08
CA THR A 221 -0.18 -6.06 -3.45
C THR A 221 0.75 -5.18 -4.26
N GLY A 222 0.52 -3.87 -4.17
CA GLY A 222 1.40 -2.87 -4.72
C GLY A 222 2.12 -2.12 -3.63
N CYS A 223 2.92 -1.15 -4.04
CA CYS A 223 3.69 -0.35 -3.10
C CYS A 223 3.69 1.10 -3.57
N ASN A 224 3.40 2.01 -2.65
CA ASN A 224 3.34 3.44 -2.97
C ASN A 224 3.63 4.28 -1.74
N ALA A 225 3.84 5.58 -1.93
CA ALA A 225 4.09 6.48 -0.83
C ALA A 225 3.58 7.87 -1.16
N CYS A 226 3.18 8.58 -0.12
CA CYS A 226 2.82 9.99 -0.24
C CYS A 226 3.45 10.73 0.93
N TYR A 227 3.65 12.01 0.76
CA TYR A 227 4.27 12.81 1.81
C TYR A 227 3.95 14.28 1.62
N MET A 228 4.08 15.05 2.70
CA MET A 228 3.78 16.47 2.68
C MET A 228 4.98 17.26 2.12
N GLU A 229 4.85 17.72 0.88
CA GLU A 229 5.90 18.47 0.18
C GLU A 229 5.74 19.96 0.44
N GLU A 230 6.83 20.72 0.32
CA GLU A 230 6.78 22.18 0.42
C GLU A 230 6.07 22.73 -0.81
N MET A 231 5.19 23.69 -0.63
CA MET A 231 4.38 24.19 -1.74
C MET A 231 5.20 24.79 -2.89
N GLN A 232 6.34 25.39 -2.57
CA GLN A 232 7.24 25.93 -3.60
C GLN A 232 7.84 24.83 -4.50
N ASN A 233 7.94 23.60 -3.97
CA ASN A 233 8.48 22.48 -4.73
C ASN A 233 7.43 21.82 -5.60
N VAL A 234 6.17 21.99 -5.21
CA VAL A 234 5.05 21.48 -5.99
C VAL A 234 4.77 22.53 -7.05
N GLU A 235 5.50 22.43 -8.14
CA GLU A 235 5.42 23.40 -9.23
C GLU A 235 4.10 23.36 -9.99
N LEU A 236 3.34 22.27 -9.86
CA LEU A 236 2.08 22.10 -10.58
C LEU A 236 0.92 22.86 -9.93
N VAL A 237 1.11 23.26 -8.67
CA VAL A 237 0.14 24.08 -7.95
C VAL A 237 0.87 25.31 -7.47
N GLU A 238 0.42 26.50 -7.87
CA GLU A 238 1.22 27.65 -7.53
C GLU A 238 0.89 28.17 -6.14
N GLY A 239 1.92 28.71 -5.50
CA GLY A 239 1.90 29.02 -4.08
C GLY A 239 3.21 28.58 -3.42
N ASP A 240 3.70 29.40 -2.50
CA ASP A 240 4.92 29.13 -1.71
C ASP A 240 4.59 28.65 -0.30
N GLU A 241 3.39 28.95 0.17
CA GLU A 241 3.05 28.86 1.59
C GLU A 241 2.46 27.49 1.98
N GLY A 242 3.02 26.92 3.04
CA GLY A 242 2.55 25.66 3.61
C GLY A 242 3.04 24.44 2.85
N ARG A 243 2.34 23.33 3.04
CA ARG A 243 2.66 22.09 2.36
C ARG A 243 1.43 21.43 1.74
N MET A 244 1.67 20.45 0.88
CA MET A 244 0.59 19.68 0.26
C MET A 244 1.06 18.25 0.13
N CYS A 245 0.15 17.31 0.40
CA CYS A 245 0.48 15.90 0.20
C CYS A 245 0.71 15.68 -1.30
N VAL A 246 1.76 14.91 -1.60
CA VAL A 246 2.13 14.56 -2.96
C VAL A 246 2.09 13.03 -3.07
N ASN A 247 1.32 12.51 -4.02
CA ASN A 247 1.20 11.08 -4.22
C ASN A 247 2.26 10.63 -5.22
N THR A 248 3.31 9.98 -4.73
CA THR A 248 4.47 9.70 -5.55
C THR A 248 4.12 8.82 -6.73
N GLU A 249 3.30 7.80 -6.47
CA GLU A 249 3.09 6.74 -7.45
C GLU A 249 4.44 6.22 -7.91
N TRP A 250 5.29 5.87 -6.95
CA TRP A 250 6.67 5.46 -7.24
C TRP A 250 6.84 4.04 -7.73
N GLY A 251 5.73 3.30 -7.87
CA GLY A 251 5.76 1.94 -8.43
C GLY A 251 6.30 1.91 -9.85
N ALA A 252 6.06 2.98 -10.59
CA ALA A 252 6.47 3.13 -11.99
C ALA A 252 7.96 3.38 -12.18
N PHE A 253 8.65 3.71 -11.10
CA PHE A 253 10.11 3.90 -11.10
C PHE A 253 10.81 2.72 -11.78
N GLY A 254 11.75 3.02 -12.68
CA GLY A 254 12.52 1.99 -13.39
C GLY A 254 12.35 1.94 -14.90
N ASP A 255 11.48 2.78 -15.45
CA ASP A 255 11.25 2.86 -16.90
C ASP A 255 12.51 3.06 -17.73
N SER A 256 13.41 3.89 -17.23
CA SER A 256 14.65 4.23 -17.93
C SER A 256 15.82 3.32 -17.52
N GLY A 257 15.51 2.20 -16.87
CA GLY A 257 16.54 1.27 -16.44
C GLY A 257 17.27 1.67 -15.16
N GLU A 258 16.63 2.51 -14.36
CA GLU A 258 17.20 2.94 -13.08
C GLU A 258 17.54 1.76 -12.15
N LEU A 259 16.90 0.60 -12.36
CA LEU A 259 17.13 -0.61 -11.54
C LEU A 259 17.79 -1.79 -12.27
N ASP A 260 18.07 -1.61 -13.56
CA ASP A 260 18.57 -2.69 -14.39
C ASP A 260 19.72 -3.46 -13.78
N GLU A 261 20.66 -2.77 -13.16
CA GLU A 261 21.84 -3.43 -12.63
C GLU A 261 21.54 -4.28 -11.40
N PHE A 262 20.34 -4.13 -10.83
CA PHE A 262 19.92 -4.85 -9.64
C PHE A 262 18.88 -5.92 -9.92
N LEU A 263 18.49 -6.09 -11.20
CA LEU A 263 17.52 -7.11 -11.56
C LEU A 263 18.22 -8.45 -11.67
N LEU A 264 17.46 -9.51 -11.42
CA LEU A 264 17.98 -10.87 -11.52
C LEU A 264 17.13 -11.65 -12.53
N GLU A 265 17.66 -12.76 -13.02
CA GLU A 265 16.94 -13.60 -13.99
C GLU A 265 15.45 -13.77 -13.62
N TYR A 266 15.14 -13.94 -12.34
CA TYR A 266 13.76 -14.18 -11.89
C TYR A 266 12.88 -12.93 -12.05
N ASP A 267 13.47 -11.77 -11.78
CA ASP A 267 12.77 -10.51 -11.96
C ASP A 267 12.45 -10.34 -13.43
N ARG A 268 13.43 -10.65 -14.26
CA ARG A 268 13.27 -10.51 -15.70
C ARG A 268 12.16 -11.42 -16.17
N LEU A 269 12.12 -12.64 -15.64
CA LEU A 269 11.09 -13.62 -16.01
C LEU A 269 9.69 -13.14 -15.62
N VAL A 270 9.57 -12.63 -14.40
CA VAL A 270 8.32 -12.06 -13.92
C VAL A 270 7.90 -10.90 -14.83
N ASP A 271 8.86 -10.06 -15.19
CA ASP A 271 8.57 -8.89 -16.00
C ASP A 271 8.02 -9.29 -17.39
N GLU A 272 8.61 -10.33 -17.98
CA GLU A 272 8.19 -10.80 -19.31
C GLU A 272 6.81 -11.47 -19.32
N SER A 273 6.47 -12.17 -18.25
CA SER A 273 5.19 -12.87 -18.20
C SER A 273 4.07 -11.98 -17.71
N SER A 274 4.38 -10.75 -17.31
CA SER A 274 3.38 -9.87 -16.71
C SER A 274 2.49 -9.21 -17.77
N ALA A 275 1.45 -8.53 -17.30
CA ALA A 275 0.50 -7.86 -18.20
C ALA A 275 1.07 -6.59 -18.75
N ASN A 276 2.07 -6.03 -18.05
CA ASN A 276 2.67 -4.73 -18.39
C ASN A 276 4.21 -4.76 -18.43
N PRO A 277 4.82 -5.57 -19.34
CA PRO A 277 6.29 -5.67 -19.32
C PRO A 277 7.02 -4.35 -19.52
N GLY A 278 8.09 -4.17 -18.75
CA GLY A 278 8.89 -2.96 -18.79
C GLY A 278 8.37 -1.89 -17.86
N GLN A 279 7.17 -2.09 -17.31
CA GLN A 279 6.54 -1.09 -16.42
C GLN A 279 6.44 -1.55 -14.98
N GLN A 280 6.24 -0.60 -14.06
CA GLN A 280 6.10 -0.91 -12.65
C GLN A 280 7.25 -1.73 -12.11
N LEU A 281 8.46 -1.53 -12.64
CA LEU A 281 9.57 -2.39 -12.27
C LEU A 281 9.92 -2.31 -10.79
N TYR A 282 9.98 -1.12 -10.24
CA TYR A 282 10.20 -0.96 -8.78
C TYR A 282 9.20 -1.80 -7.96
N GLU A 283 7.92 -1.69 -8.31
CA GLU A 283 6.87 -2.41 -7.61
C GLU A 283 6.97 -3.92 -7.76
N LYS A 284 7.44 -4.36 -8.92
CA LYS A 284 7.67 -5.79 -9.17
C LYS A 284 8.69 -6.42 -8.21
N LEU A 285 9.62 -5.61 -7.72
CA LEU A 285 10.60 -6.08 -6.74
C LEU A 285 10.01 -6.20 -5.35
N ILE A 286 8.96 -5.43 -5.09
CA ILE A 286 8.49 -5.22 -3.72
C ILE A 286 7.08 -5.72 -3.46
N GLY A 287 6.17 -5.48 -4.40
CA GLY A 287 4.76 -5.72 -4.16
C GLY A 287 4.44 -7.16 -3.85
N GLY A 288 3.35 -7.38 -3.13
CA GLY A 288 2.85 -8.73 -2.85
C GLY A 288 2.39 -9.46 -4.10
N LYS A 289 2.03 -8.71 -5.14
CA LYS A 289 1.52 -9.30 -6.39
C LYS A 289 2.46 -10.33 -6.99
N TYR A 290 3.76 -10.12 -6.84
CA TYR A 290 4.76 -10.94 -7.50
C TYR A 290 5.68 -11.72 -6.56
N MET A 291 5.66 -11.38 -5.26
CA MET A 291 6.63 -11.93 -4.29
C MET A 291 6.59 -13.45 -4.26
N GLY A 292 5.39 -14.03 -4.32
CA GLY A 292 5.25 -15.48 -4.38
C GLY A 292 5.83 -16.04 -5.65
N GLU A 293 5.58 -15.39 -6.77
CA GLU A 293 6.06 -15.90 -8.06
C GLU A 293 7.58 -15.90 -8.07
N LEU A 294 8.19 -14.85 -7.51
CA LEU A 294 9.65 -14.78 -7.39
C LEU A 294 10.23 -15.96 -6.60
N VAL A 295 9.60 -16.27 -5.48
CA VAL A 295 10.03 -17.41 -4.68
C VAL A 295 9.97 -18.67 -5.53
N ARG A 296 8.84 -18.89 -6.20
CA ARG A 296 8.64 -20.10 -6.99
C ARG A 296 9.77 -20.27 -7.99
N LEU A 297 10.15 -19.17 -8.63
CA LEU A 297 11.21 -19.21 -9.63
C LEU A 297 12.57 -19.53 -9.01
N VAL A 298 12.81 -19.03 -7.81
CA VAL A 298 14.04 -19.34 -7.09
C VAL A 298 14.08 -20.83 -6.73
N LEU A 299 12.95 -21.37 -6.28
CA LEU A 299 12.87 -22.79 -5.95
C LEU A 299 13.14 -23.66 -7.18
N LEU A 300 12.60 -23.29 -8.33
CA LEU A 300 12.86 -24.03 -9.58
C LEU A 300 14.36 -23.96 -10.00
N ARG A 301 14.98 -22.79 -9.88
CA ARG A 301 16.42 -22.69 -10.11
C ARG A 301 17.14 -23.70 -9.23
N LEU A 302 16.88 -23.66 -7.92
CA LEU A 302 17.52 -24.59 -7.00
C LEU A 302 17.30 -26.04 -7.42
N VAL A 303 16.05 -26.37 -7.72
CA VAL A 303 15.67 -27.73 -8.17
C VAL A 303 16.46 -28.17 -9.42
N ASP A 304 16.53 -27.27 -10.40
CA ASP A 304 17.25 -27.54 -11.63
C ASP A 304 18.77 -27.68 -11.36
N GLU A 305 19.24 -27.06 -10.27
CA GLU A 305 20.62 -27.25 -9.82
C GLU A 305 20.78 -28.47 -8.91
N ASN A 306 19.73 -29.28 -8.77
CA ASN A 306 19.79 -30.47 -7.91
C ASN A 306 20.12 -30.17 -6.45
N LEU A 307 19.66 -29.02 -5.96
CA LEU A 307 19.88 -28.62 -4.58
C LEU A 307 18.57 -28.62 -3.78
N LEU A 308 17.49 -29.07 -4.41
CA LEU A 308 16.18 -29.01 -3.78
C LEU A 308 15.23 -30.04 -4.37
N PHE A 309 14.52 -30.75 -3.49
CA PHE A 309 13.59 -31.83 -3.83
C PHE A 309 14.22 -32.90 -4.73
N HIS A 310 15.50 -33.18 -4.48
CA HIS A 310 16.25 -34.20 -5.23
C HIS A 310 16.17 -33.93 -6.74
N GLY A 311 16.13 -32.64 -7.09
CA GLY A 311 16.01 -32.19 -8.48
C GLY A 311 14.71 -32.57 -9.17
N GLU A 312 13.62 -32.63 -8.41
CA GLU A 312 12.32 -33.06 -8.94
C GLU A 312 11.20 -32.13 -8.44
N ALA A 313 10.72 -31.26 -9.32
CA ALA A 313 9.60 -30.38 -8.98
C ALA A 313 8.26 -31.06 -9.29
N SER A 314 7.21 -30.62 -8.61
CA SER A 314 5.84 -31.04 -8.91
C SER A 314 5.25 -30.19 -10.04
N GLU A 315 4.17 -30.66 -10.64
CA GLU A 315 3.54 -29.92 -11.74
C GLU A 315 2.92 -28.62 -11.21
N GLN A 316 2.42 -28.67 -9.97
CA GLN A 316 1.96 -27.45 -9.29
C GLN A 316 3.07 -26.43 -9.13
N LEU A 317 4.26 -26.90 -8.78
CA LEU A 317 5.39 -26.00 -8.59
C LEU A 317 5.80 -25.37 -9.93
N ARG A 318 5.65 -26.13 -11.02
CA ARG A 318 5.97 -25.62 -12.34
C ARG A 318 4.82 -24.77 -12.92
N THR A 319 3.76 -24.55 -12.14
CA THR A 319 2.62 -23.74 -12.57
C THR A 319 2.73 -22.27 -12.11
N ARG A 320 2.62 -21.37 -13.08
CA ARG A 320 2.71 -19.94 -12.83
C ARG A 320 1.68 -19.53 -11.80
N GLY A 321 2.08 -18.68 -10.84
CA GLY A 321 1.16 -18.22 -9.80
C GLY A 321 0.86 -19.18 -8.65
N ALA A 322 1.36 -20.42 -8.73
CA ALA A 322 1.03 -21.45 -7.75
C ALA A 322 1.56 -21.11 -6.35
N PHE A 323 2.78 -20.57 -6.27
CA PHE A 323 3.34 -20.19 -4.99
C PHE A 323 2.79 -18.83 -4.59
N GLU A 324 1.76 -18.83 -3.76
CA GLU A 324 1.09 -17.62 -3.37
C GLU A 324 1.92 -16.85 -2.38
N THR A 325 1.82 -15.53 -2.46
CA THR A 325 2.59 -14.67 -1.59
C THR A 325 2.30 -14.96 -0.11
N ARG A 326 1.04 -15.23 0.22
CA ARG A 326 0.67 -15.64 1.59
C ARG A 326 1.53 -16.80 2.10
N PHE A 327 1.91 -17.70 1.18
CA PHE A 327 2.75 -18.86 1.52
C PHE A 327 4.12 -18.40 2.05
N VAL A 328 4.61 -17.27 1.55
CA VAL A 328 5.92 -16.76 1.95
C VAL A 328 5.89 -16.37 3.43
N SER A 329 4.92 -15.55 3.81
CA SER A 329 4.74 -15.16 5.20
C SER A 329 4.54 -16.39 6.09
N GLN A 330 3.75 -17.34 5.58
CA GLN A 330 3.52 -18.60 6.29
C GLN A 330 4.80 -19.40 6.52
N VAL A 331 5.62 -19.55 5.50
CA VAL A 331 6.91 -20.24 5.62
C VAL A 331 7.82 -19.52 6.62
N GLU A 332 7.76 -18.19 6.62
CA GLU A 332 8.59 -17.40 7.49
C GLU A 332 7.98 -17.22 8.87
N SER A 333 6.76 -17.71 9.09
CA SER A 333 6.15 -17.77 10.43
C SER A 333 6.50 -19.05 11.15
N ASP A 334 6.87 -20.09 10.42
CA ASP A 334 7.16 -21.41 11.00
C ASP A 334 8.00 -21.33 12.26
N THR A 335 7.53 -21.96 13.33
CA THR A 335 8.10 -21.77 14.65
C THR A 335 9.44 -22.49 14.88
N GLY A 336 9.90 -23.24 13.87
CA GLY A 336 11.14 -23.99 13.97
C GLY A 336 10.95 -25.48 13.82
N ASP A 337 9.71 -25.96 13.93
CA ASP A 337 9.40 -27.39 13.83
C ASP A 337 9.17 -27.91 12.39
N ARG A 338 9.23 -27.01 11.40
CA ARG A 338 9.07 -27.33 9.96
C ARG A 338 7.64 -27.69 9.52
N LYS A 339 6.65 -27.59 10.41
CA LYS A 339 5.30 -28.10 10.12
C LYS A 339 4.46 -27.19 9.24
N GLN A 340 4.56 -25.88 9.39
CA GLN A 340 3.86 -24.95 8.50
C GLN A 340 4.46 -24.99 7.09
N ILE A 341 5.78 -25.17 7.04
CA ILE A 341 6.50 -25.27 5.77
C ILE A 341 6.14 -26.58 5.10
N TYR A 342 6.30 -27.69 5.82
CA TYR A 342 5.94 -29.00 5.29
C TYR A 342 4.53 -28.96 4.72
N ASN A 343 3.59 -28.45 5.49
CA ASN A 343 2.20 -28.49 5.08
C ASN A 343 1.92 -27.66 3.82
N ILE A 344 2.56 -26.50 3.70
CA ILE A 344 2.47 -25.71 2.47
C ILE A 344 3.07 -26.43 1.27
N LEU A 345 4.24 -27.00 1.44
CA LEU A 345 4.91 -27.71 0.35
C LEU A 345 4.17 -28.98 -0.02
N SER A 346 3.49 -29.57 0.96
CA SER A 346 2.67 -30.76 0.74
C SER A 346 1.45 -30.39 -0.11
N THR A 347 0.90 -29.20 0.11
CA THR A 347 -0.23 -28.71 -0.68
C THR A 347 0.13 -28.51 -2.15
N LEU A 348 1.41 -28.31 -2.44
CA LEU A 348 1.89 -28.19 -3.81
C LEU A 348 2.32 -29.54 -4.41
N GLY A 349 2.02 -30.63 -3.69
CA GLY A 349 2.34 -31.97 -4.17
C GLY A 349 3.83 -32.30 -4.05
N LEU A 350 4.45 -31.78 -2.99
CA LEU A 350 5.86 -32.07 -2.71
C LEU A 350 5.94 -32.88 -1.41
N ARG A 351 6.95 -33.73 -1.31
CA ARG A 351 7.22 -34.47 -0.08
C ARG A 351 8.60 -34.07 0.42
N PRO A 352 8.72 -32.87 0.99
CA PRO A 352 10.01 -32.29 1.32
C PRO A 352 10.71 -32.91 2.53
N SER A 353 12.02 -33.06 2.44
CA SER A 353 12.85 -33.37 3.60
C SER A 353 12.95 -32.14 4.51
N THR A 354 13.57 -32.32 5.68
CA THR A 354 13.78 -31.22 6.62
C THR A 354 14.72 -30.17 6.06
N THR A 355 15.74 -30.63 5.32
CA THR A 355 16.65 -29.73 4.62
C THR A 355 15.92 -28.90 3.55
N ASP A 356 15.10 -29.57 2.73
CA ASP A 356 14.30 -28.85 1.72
C ASP A 356 13.48 -27.73 2.36
N CYS A 357 12.90 -28.00 3.54
CA CYS A 357 12.10 -27.01 4.26
C CYS A 357 12.95 -25.82 4.73
N ASP A 358 14.17 -26.10 5.17
CA ASP A 358 15.09 -25.03 5.57
C ASP A 358 15.47 -24.13 4.39
N ILE A 359 15.73 -24.77 3.25
CA ILE A 359 16.13 -24.07 2.05
C ILE A 359 15.01 -23.15 1.55
N VAL A 360 13.77 -23.64 1.63
CA VAL A 360 12.63 -22.85 1.21
C VAL A 360 12.50 -21.61 2.09
N ARG A 361 12.62 -21.80 3.40
CA ARG A 361 12.63 -20.70 4.34
C ARG A 361 13.66 -19.66 3.95
N ARG A 362 14.87 -20.10 3.64
CA ARG A 362 15.93 -19.15 3.29
C ARG A 362 15.69 -18.46 1.92
N ALA A 363 15.04 -19.16 1.00
CA ALA A 363 14.67 -18.57 -0.29
C ALA A 363 13.60 -17.50 -0.08
N CYS A 364 12.67 -17.80 0.82
CA CYS A 364 11.60 -16.86 1.17
C CYS A 364 12.18 -15.60 1.81
N GLU A 365 13.08 -15.78 2.77
CA GLU A 365 13.73 -14.68 3.46
C GLU A 365 14.56 -13.80 2.51
N SER A 366 15.29 -14.42 1.61
CA SER A 366 16.04 -13.67 0.62
C SER A 366 15.14 -12.67 -0.09
N VAL A 367 14.05 -13.18 -0.65
CA VAL A 367 13.13 -12.35 -1.43
C VAL A 367 12.51 -11.26 -0.56
N SER A 368 12.05 -11.64 0.62
CA SER A 368 11.43 -10.70 1.56
C SER A 368 12.38 -9.58 1.88
N THR A 369 13.58 -9.96 2.31
CA THR A 369 14.57 -9.02 2.77
C THR A 369 14.97 -8.11 1.63
N ARG A 370 14.98 -8.63 0.42
CA ARG A 370 15.33 -7.77 -0.70
C ARG A 370 14.21 -6.78 -0.94
N ALA A 371 12.98 -7.27 -0.84
CA ALA A 371 11.82 -6.39 -0.95
C ALA A 371 11.91 -5.26 0.08
N ALA A 372 12.27 -5.62 1.31
CA ALA A 372 12.40 -4.65 2.41
C ALA A 372 13.51 -3.64 2.14
N HIS A 373 14.65 -4.11 1.66
CA HIS A 373 15.73 -3.19 1.27
C HIS A 373 15.26 -2.22 0.20
N MET A 374 14.85 -2.74 -0.95
CA MET A 374 14.44 -1.86 -2.05
C MET A 374 13.41 -0.82 -1.64
N CYS A 375 12.50 -1.25 -0.79
CA CYS A 375 11.48 -0.37 -0.26
C CYS A 375 12.05 0.71 0.65
N SER A 376 13.01 0.33 1.49
CA SER A 376 13.65 1.28 2.41
C SER A 376 14.42 2.38 1.69
N ALA A 377 14.96 2.06 0.52
CA ALA A 377 15.69 3.02 -0.29
C ALA A 377 14.74 4.09 -0.82
N GLY A 378 13.51 3.70 -1.14
CA GLY A 378 12.49 4.64 -1.57
C GLY A 378 12.05 5.57 -0.47
N LEU A 379 11.70 5.01 0.68
CA LEU A 379 11.27 5.85 1.79
C LEU A 379 12.41 6.72 2.29
N ALA A 380 13.64 6.24 2.17
CA ALA A 380 14.80 7.02 2.59
C ALA A 380 14.99 8.25 1.71
N GLY A 381 14.82 8.09 0.40
CA GLY A 381 14.87 9.22 -0.52
C GLY A 381 13.83 10.30 -0.25
N VAL A 382 12.65 9.88 0.20
CA VAL A 382 11.56 10.80 0.56
C VAL A 382 11.91 11.51 1.86
N ILE A 383 12.34 10.75 2.85
CA ILE A 383 12.62 11.33 4.17
C ILE A 383 13.84 12.23 4.14
N ASN A 384 14.87 11.85 3.38
CA ASN A 384 16.02 12.72 3.21
C ASN A 384 15.69 13.98 2.42
N ARG A 385 14.77 13.88 1.46
CA ARG A 385 14.33 15.05 0.71
C ARG A 385 13.56 16.02 1.62
N MET A 386 12.70 15.48 2.47
CA MET A 386 11.95 16.30 3.44
C MET A 386 12.88 16.96 4.43
N ARG A 387 13.92 16.24 4.85
CA ARG A 387 14.89 16.78 5.78
C ARG A 387 15.58 18.03 5.21
N GLU A 388 15.97 18.02 3.94
CA GLU A 388 16.67 19.17 3.38
C GLU A 388 15.89 20.47 3.56
N SER A 389 14.57 20.37 3.41
CA SER A 389 13.67 21.51 3.60
C SER A 389 13.53 21.97 5.08
N ARG A 390 14.40 21.50 5.97
CA ARG A 390 14.24 21.73 7.43
C ARG A 390 15.60 21.67 8.13
N MET A 395 15.42 15.60 12.67
CA MET A 395 14.00 15.65 12.20
C MET A 395 13.17 14.49 12.77
N ARG A 396 12.34 14.78 13.75
CA ARG A 396 11.38 13.82 14.26
C ARG A 396 10.19 13.76 13.29
N ILE A 397 9.90 12.58 12.79
CA ILE A 397 8.80 12.42 11.83
C ILE A 397 8.13 11.07 12.00
N THR A 398 6.81 11.05 11.88
CA THR A 398 6.07 9.80 11.95
C THR A 398 5.64 9.39 10.54
N VAL A 399 5.61 8.07 10.33
CA VAL A 399 5.20 7.52 9.06
C VAL A 399 4.07 6.52 9.28
N GLY A 400 2.95 6.76 8.60
CA GLY A 400 1.85 5.83 8.64
C GLY A 400 2.08 4.77 7.60
N VAL A 401 1.90 3.50 7.96
CA VAL A 401 2.07 2.42 7.02
C VAL A 401 0.88 1.46 7.05
N ASP A 402 0.59 0.85 5.91
CA ASP A 402 -0.43 -0.18 5.83
C ASP A 402 -0.04 -1.18 4.75
N GLY A 403 -0.83 -2.24 4.58
CA GLY A 403 -0.53 -3.26 3.58
C GLY A 403 -0.22 -4.64 4.17
N SER A 404 -0.72 -5.67 3.49
CA SER A 404 -0.59 -7.05 3.97
C SER A 404 0.88 -7.44 4.19
N VAL A 405 1.75 -7.03 3.29
CA VAL A 405 3.16 -7.38 3.42
C VAL A 405 3.78 -6.75 4.67
N TYR A 406 3.44 -5.50 4.93
CA TYR A 406 4.01 -4.79 6.08
C TYR A 406 3.39 -5.30 7.37
N LYS A 407 2.10 -5.57 7.33
CA LYS A 407 1.41 -5.99 8.55
C LYS A 407 1.67 -7.46 8.89
N LEU A 408 1.64 -8.34 7.88
CA LEU A 408 1.55 -9.78 8.14
C LEU A 408 2.81 -10.62 7.87
N HIS A 409 3.76 -10.11 7.08
CA HIS A 409 5.01 -10.85 6.85
C HIS A 409 5.92 -10.76 8.07
N PRO A 410 6.16 -11.90 8.74
CA PRO A 410 6.74 -11.97 10.07
C PRO A 410 7.69 -10.83 10.44
N SER A 411 8.76 -10.66 9.67
CA SER A 411 9.77 -9.65 9.99
C SER A 411 10.14 -8.71 8.82
N PHE A 412 9.19 -8.46 7.93
CA PHE A 412 9.37 -7.44 6.90
C PHE A 412 9.51 -6.07 7.54
N LYS A 413 8.57 -5.71 8.40
CA LYS A 413 8.57 -4.38 8.99
C LYS A 413 9.87 -4.09 9.76
N GLU A 414 10.40 -5.10 10.44
CA GLU A 414 11.57 -4.95 11.30
C GLU A 414 12.79 -4.64 10.46
N ARG A 415 12.98 -5.47 9.43
CA ARG A 415 14.06 -5.30 8.48
C ARG A 415 13.92 -3.99 7.69
N PHE A 416 12.69 -3.67 7.32
CA PHE A 416 12.37 -2.43 6.62
C PHE A 416 12.74 -1.20 7.48
N HIS A 417 12.29 -1.19 8.74
CA HIS A 417 12.58 -0.09 9.69
C HIS A 417 14.07 0.12 9.84
N ALA A 418 14.79 -0.96 10.12
CA ALA A 418 16.22 -0.86 10.38
C ALA A 418 16.99 -0.36 9.17
N SER A 419 16.52 -0.73 7.98
CA SER A 419 17.18 -0.32 6.74
C SER A 419 16.96 1.16 6.44
N VAL A 420 15.77 1.67 6.74
CA VAL A 420 15.48 3.07 6.52
C VAL A 420 16.26 3.92 7.52
N ARG A 421 16.21 3.53 8.78
CA ARG A 421 16.89 4.29 9.83
C ARG A 421 18.38 4.40 9.52
N ARG A 422 18.99 3.29 9.12
CA ARG A 422 20.37 3.27 8.60
C ARG A 422 20.58 4.32 7.50
N LEU A 423 19.67 4.35 6.51
CA LEU A 423 19.84 5.22 5.33
C LEU A 423 19.47 6.69 5.58
N THR A 424 18.90 6.97 6.74
CA THR A 424 18.42 8.32 7.10
C THR A 424 19.02 8.84 8.41
N PRO A 425 20.33 9.17 8.39
CA PRO A 425 20.94 9.77 9.57
C PRO A 425 20.38 11.17 9.84
N SER A 426 20.31 11.55 11.11
CA SER A 426 19.76 12.84 11.55
C SER A 426 18.24 12.95 11.34
N CYS A 427 17.55 11.80 11.31
CA CYS A 427 16.10 11.76 11.32
C CYS A 427 15.68 10.72 12.37
N GLU A 428 14.69 11.05 13.21
CA GLU A 428 14.11 10.04 14.08
C GLU A 428 12.74 9.68 13.56
N ILE A 429 12.59 8.42 13.19
CA ILE A 429 11.42 7.96 12.47
C ILE A 429 10.57 7.05 13.34
N THR A 430 9.36 7.49 13.62
CA THR A 430 8.40 6.64 14.28
C THR A 430 7.48 6.09 13.20
N PHE A 431 7.22 4.80 13.25
CA PHE A 431 6.34 4.13 12.30
C PHE A 431 5.09 3.73 13.04
N ILE A 432 3.92 3.99 12.47
CA ILE A 432 2.68 3.47 13.05
C ILE A 432 1.81 2.84 12.00
N GLU A 433 1.01 1.88 12.44
CA GLU A 433 0.03 1.24 11.59
C GLU A 433 -1.31 1.89 11.77
N SER A 434 -1.99 2.09 10.65
CA SER A 434 -3.35 2.59 10.63
C SER A 434 -4.29 1.57 11.30
N GLU A 435 -5.20 2.06 12.15
CA GLU A 435 -6.30 1.23 12.70
C GLU A 435 -7.35 2.06 13.43
N SER A 438 -11.26 2.67 16.57
CA SER A 438 -12.61 3.24 16.84
C SER A 438 -13.33 3.87 15.62
N GLY A 439 -12.64 3.96 14.48
CA GLY A 439 -13.21 4.53 13.27
C GLY A 439 -13.15 6.05 13.15
N ARG A 440 -12.36 6.71 14.00
CA ARG A 440 -12.22 8.18 13.93
C ARG A 440 -11.16 8.65 12.94
N GLY A 441 -10.15 7.82 12.73
CA GLY A 441 -9.18 8.05 11.67
C GLY A 441 -9.88 8.00 10.32
N ALA A 442 -10.75 7.02 10.12
CA ALA A 442 -11.53 6.91 8.90
C ALA A 442 -12.42 8.12 8.72
N ALA A 443 -13.03 8.58 9.80
CA ALA A 443 -13.86 9.80 9.76
C ALA A 443 -13.05 11.01 9.33
N LEU A 444 -11.82 11.10 9.82
CA LEU A 444 -10.92 12.17 9.41
C LEU A 444 -10.53 12.04 7.93
N VAL A 445 -10.45 10.82 7.42
CA VAL A 445 -10.16 10.65 6.00
C VAL A 445 -11.33 11.22 5.22
N SER A 446 -12.55 10.85 5.62
CA SER A 446 -13.76 11.28 4.90
C SER A 446 -14.01 12.80 5.02
N ALA A 447 -13.50 13.42 6.09
CA ALA A 447 -13.66 14.86 6.28
C ALA A 447 -12.78 15.62 5.31
N VAL A 448 -11.54 15.15 5.21
CA VAL A 448 -10.57 15.72 4.30
C VAL A 448 -11.02 15.54 2.84
N ALA A 449 -11.44 14.33 2.49
CA ALA A 449 -11.87 14.07 1.12
C ALA A 449 -13.06 14.96 0.71
N CYS A 450 -14.01 15.14 1.63
CA CYS A 450 -15.15 16.00 1.36
C CYS A 450 -14.75 17.47 1.30
N LYS A 451 -13.89 17.90 2.22
CA LYS A 451 -13.44 19.30 2.25
C LYS A 451 -12.56 19.63 1.04
N LYS A 452 -11.69 18.70 0.65
CA LYS A 452 -10.97 18.80 -0.62
C LYS A 452 -11.93 19.03 -1.79
N ALA A 453 -13.02 18.26 -1.81
CA ALA A 453 -14.01 18.33 -2.88
C ALA A 453 -14.68 19.69 -2.92
N CYS A 454 -15.10 20.18 -1.76
CA CYS A 454 -15.69 21.51 -1.64
C CYS A 454 -14.72 22.57 -2.19
N MET A 455 -13.48 22.52 -1.73
CA MET A 455 -12.40 23.43 -2.14
C MET A 455 -12.22 23.47 -3.66
N LEU A 456 -12.29 22.32 -4.30
CA LEU A 456 -12.06 22.23 -5.74
C LEU A 456 -13.31 22.52 -6.59
N GLY A 457 -14.40 22.92 -5.95
CA GLY A 457 -15.67 23.16 -6.65
C GLY A 457 -16.26 21.85 -7.15
N GLN A 458 -16.32 20.87 -6.25
CA GLN A 458 -16.83 19.52 -6.56
C GLN A 458 -16.00 18.82 -7.65
#